data_9HGH
#
_entry.id   9HGH
#
_cell.length_a   40.000
_cell.length_b   57.290
_cell.length_c   60.970
_cell.angle_alpha   90.000
_cell.angle_beta   90.000
_cell.angle_gamma   90.000
#
_symmetry.space_group_name_H-M   'P 21 21 21'
#
loop_
_entity.id
_entity.type
_entity.pdbx_description
1 polymer 'Speckle type BTB/POZ protein'
2 polymer 'Myeloid differentiation primary response protein MyD88'
3 water water
#
loop_
_entity_poly.entity_id
_entity_poly.type
_entity_poly.pdbx_seq_one_letter_code
_entity_poly.pdbx_strand_id
1 'polypeptide(L)'
;AKVVKFSYMWTINNFSFCREEMGEVIKSSTFSSGANDKLKWCLRVNPKGLDEESKDYLSLYLLLVSCPKSEVRAKFKFSI
LNAKGEETKAMESQRAYRFVQGKDWGFKKFIRRDFLLDEANGLLPDDKLTLFCEVSVVQD
;
A
2 'polypeptide(L)' AEKPLQVAAVDSSVPRT B
#
# COMPACT_ATOMS: atom_id res chain seq x y z
N ALA A 1 -23.04 -1.52 -12.65
CA ALA A 1 -22.03 -1.89 -11.67
C ALA A 1 -22.23 -1.15 -10.32
N LYS A 2 -22.21 -1.90 -9.19
CA LYS A 2 -22.49 -1.35 -7.86
C LYS A 2 -21.20 -1.23 -7.05
N VAL A 3 -20.91 -0.03 -6.54
CA VAL A 3 -19.58 0.30 -6.06
C VAL A 3 -19.66 0.86 -4.65
N VAL A 4 -18.81 0.36 -3.78
CA VAL A 4 -18.67 0.80 -2.39
C VAL A 4 -17.28 1.38 -2.23
N LYS A 5 -17.21 2.64 -1.78
CA LYS A 5 -15.95 3.31 -1.52
C LYS A 5 -15.64 3.32 -0.03
N PHE A 6 -14.40 3.03 0.33
CA PHE A 6 -13.99 3.11 1.73
C PHE A 6 -12.50 3.36 1.79
N SER A 7 -12.01 3.64 2.99
CA SER A 7 -10.65 4.11 3.12
C SER A 7 -10.08 3.71 4.47
N TYR A 8 -8.76 3.73 4.53
CA TYR A 8 -8.02 3.36 5.72
C TYR A 8 -6.75 4.20 5.81
N MET A 9 -6.47 4.73 6.99
CA MET A 9 -5.23 5.41 7.29
C MET A 9 -4.37 4.55 8.22
N TRP A 10 -3.11 4.33 7.83
CA TRP A 10 -2.16 3.52 8.56
C TRP A 10 -0.92 4.30 8.91
N THR A 11 -0.63 4.40 10.22
CA THR A 11 0.60 5.03 10.69
C THR A 11 1.57 3.95 11.17
N ILE A 12 2.72 3.91 10.54
CA ILE A 12 3.81 3.03 10.90
C ILE A 12 4.73 3.83 11.80
N ASN A 13 4.71 3.55 13.10
CA ASN A 13 5.60 4.23 14.01
C ASN A 13 7.01 3.65 13.93
N ASN A 14 7.99 4.47 14.34
CA ASN A 14 9.37 4.01 14.51
C ASN A 14 9.90 3.37 13.23
N PHE A 15 9.72 4.10 12.13
CA PHE A 15 10.05 3.55 10.81
C PHE A 15 11.52 3.15 10.69
N SER A 16 12.43 3.86 11.37
CA SER A 16 13.86 3.56 11.31
C SER A 16 14.25 2.30 12.06
N PHE A 17 13.29 1.67 12.75
CA PHE A 17 13.51 0.44 13.47
C PHE A 17 13.05 -0.77 12.68
N CYS A 18 12.61 -0.58 11.45
CA CYS A 18 12.34 -1.72 10.58
C CYS A 18 13.62 -2.53 10.38
N ARG A 19 13.45 -3.84 10.20
CA ARG A 19 14.58 -4.71 9.97
C ARG A 19 15.25 -4.40 8.63
N GLU A 20 16.58 -4.50 8.62
CA GLU A 20 17.39 -4.32 7.42
C GLU A 20 17.45 -5.62 6.61
N GLU A 21 16.29 -6.02 6.11
CA GLU A 21 16.22 -7.18 5.22
C GLU A 21 15.11 -6.97 4.19
N MET A 22 15.41 -7.32 2.95
CA MET A 22 14.43 -7.19 1.88
C MET A 22 13.26 -8.13 2.06
N GLY A 23 13.42 -9.20 2.84
CA GLY A 23 12.29 -10.07 3.11
C GLY A 23 11.19 -9.40 3.89
N GLU A 24 11.55 -8.50 4.81
CA GLU A 24 10.65 -8.00 5.84
C GLU A 24 9.36 -7.44 5.27
N VAL A 25 8.25 -7.85 5.89
CA VAL A 25 6.92 -7.37 5.56
C VAL A 25 6.30 -6.79 6.81
N ILE A 26 5.63 -5.66 6.68
CA ILE A 26 4.84 -5.10 7.76
C ILE A 26 3.40 -5.01 7.26
N LYS A 27 2.44 -5.40 8.08
CA LYS A 27 1.06 -5.35 7.64
C LYS A 27 0.23 -4.47 8.56
N SER A 28 -0.80 -3.82 7.98
CA SER A 28 -1.77 -3.06 8.74
C SER A 28 -2.74 -3.97 9.46
N SER A 29 -3.54 -3.38 10.35
CA SER A 29 -4.74 -4.04 10.83
C SER A 29 -5.72 -4.20 9.68
N THR A 30 -6.62 -5.17 9.83
CA THR A 30 -7.62 -5.42 8.80
C THR A 30 -8.66 -4.33 8.85
N PHE A 31 -9.23 -4.02 7.69
CA PHE A 31 -10.33 -3.08 7.60
C PHE A 31 -11.32 -3.56 6.54
N SER A 32 -12.48 -2.91 6.53
CA SER A 32 -13.57 -3.36 5.68
C SER A 32 -14.46 -2.19 5.32
N SER A 33 -15.29 -2.39 4.29
CA SER A 33 -16.35 -1.48 3.91
C SER A 33 -17.52 -1.61 4.89
N GLY A 34 -18.45 -0.69 4.79
CA GLY A 34 -19.68 -0.87 5.52
C GLY A 34 -20.66 -1.85 4.93
N ALA A 35 -20.34 -2.48 3.79
CA ALA A 35 -21.33 -3.30 3.09
C ALA A 35 -21.60 -4.61 3.81
N ASN A 36 -20.81 -4.96 4.84
CA ASN A 36 -21.11 -6.09 5.72
C ASN A 36 -21.20 -7.40 4.93
N ASP A 37 -20.15 -7.67 4.16
CA ASP A 37 -20.10 -8.79 3.22
C ASP A 37 -18.96 -9.77 3.51
N LYS A 38 -18.38 -9.72 4.71
CA LYS A 38 -17.31 -10.61 5.18
C LYS A 38 -15.98 -10.37 4.45
N LEU A 39 -15.82 -9.27 3.73
CA LEU A 39 -14.52 -8.96 3.14
C LEU A 39 -13.65 -8.25 4.16
N LYS A 40 -12.42 -8.71 4.32
CA LYS A 40 -11.44 -8.05 5.16
C LYS A 40 -10.20 -7.78 4.36
N TRP A 41 -9.68 -6.58 4.48
CA TRP A 41 -8.54 -6.11 3.73
C TRP A 41 -7.44 -5.68 4.70
N CYS A 42 -6.21 -5.64 4.21
CA CYS A 42 -5.16 -4.94 4.93
C CYS A 42 -4.15 -4.39 3.92
N LEU A 43 -3.30 -3.52 4.42
CA LEU A 43 -2.17 -3.01 3.66
C LEU A 43 -0.92 -3.79 4.04
N ARG A 44 0.00 -3.89 3.10
CA ARG A 44 1.24 -4.62 3.28
C ARG A 44 2.35 -3.75 2.71
N VAL A 45 3.41 -3.54 3.50
CA VAL A 45 4.58 -2.78 3.11
C VAL A 45 5.83 -3.63 3.25
N ASN A 46 6.69 -3.57 2.24
CA ASN A 46 8.05 -4.05 2.32
C ASN A 46 8.92 -2.82 2.46
N PRO A 47 9.39 -2.48 3.67
CA PRO A 47 10.13 -1.22 3.86
C PRO A 47 11.44 -1.17 3.09
N LYS A 48 12.08 -2.32 2.87
CA LYS A 48 13.36 -2.42 2.18
C LYS A 48 13.19 -3.05 0.80
N GLY A 49 11.98 -3.00 0.27
CA GLY A 49 11.70 -3.51 -1.04
C GLY A 49 11.34 -4.98 -1.03
N LEU A 50 10.74 -5.41 -2.12
CA LEU A 50 10.30 -6.80 -2.25
C LEU A 50 11.45 -7.71 -2.64
N ASP A 51 12.38 -7.23 -3.45
CA ASP A 51 13.42 -8.08 -4.03
C ASP A 51 14.54 -7.20 -4.58
N GLU A 52 15.54 -7.86 -5.17
CA GLU A 52 16.78 -7.16 -5.54
C GLU A 52 16.49 -5.96 -6.43
N GLU A 53 15.64 -6.15 -7.46
CA GLU A 53 15.35 -5.08 -8.42
C GLU A 53 14.66 -3.90 -7.75
N SER A 54 13.90 -4.14 -6.69
CA SER A 54 13.17 -3.10 -6.00
C SER A 54 13.78 -2.70 -4.66
N LYS A 55 15.03 -3.10 -4.38
CA LYS A 55 15.59 -2.84 -3.05
C LYS A 55 15.72 -1.35 -2.74
N ASP A 56 15.71 -0.47 -3.75
CA ASP A 56 15.81 0.95 -3.43
C ASP A 56 14.46 1.58 -3.09
N TYR A 57 13.38 0.83 -3.20
CA TYR A 57 12.06 1.36 -2.99
C TYR A 57 11.38 0.76 -1.77
N LEU A 58 10.35 1.46 -1.33
CA LEU A 58 9.32 0.90 -0.47
C LEU A 58 8.19 0.37 -1.35
N SER A 59 7.75 -0.85 -1.08
CA SER A 59 6.66 -1.51 -1.78
C SER A 59 5.39 -1.44 -0.95
N LEU A 60 4.25 -1.30 -1.64
CA LEU A 60 2.96 -1.10 -0.97
C LEU A 60 1.88 -1.83 -1.74
N TYR A 61 1.16 -2.70 -1.02
CA TYR A 61 0.13 -3.54 -1.61
C TYR A 61 -1.14 -3.55 -0.78
N LEU A 62 -2.27 -3.72 -1.48
CA LEU A 62 -3.56 -4.00 -0.88
C LEU A 62 -3.78 -5.50 -0.95
N LEU A 63 -4.09 -6.09 0.20
CA LEU A 63 -4.26 -7.52 0.36
C LEU A 63 -5.70 -7.77 0.76
N LEU A 64 -6.33 -8.72 0.08
CA LEU A 64 -7.65 -9.18 0.47
C LEU A 64 -7.42 -10.36 1.40
N VAL A 65 -7.57 -10.13 2.71
CA VAL A 65 -7.13 -11.11 3.71
C VAL A 65 -8.17 -12.21 3.87
N SER A 66 -9.42 -11.81 3.88
CA SER A 66 -10.48 -12.76 4.07
C SER A 66 -11.60 -12.45 3.10
N CYS A 67 -12.08 -13.48 2.40
CA CYS A 67 -13.19 -13.33 1.47
C CYS A 67 -13.80 -14.69 1.18
N PRO A 68 -15.05 -14.93 1.55
CA PRO A 68 -15.66 -16.24 1.29
C PRO A 68 -16.18 -16.44 -0.13
N LYS A 69 -16.13 -15.43 -0.98
CA LYS A 69 -16.50 -15.49 -2.38
C LYS A 69 -15.30 -15.80 -3.27
N SER A 70 -15.60 -16.19 -4.51
CA SER A 70 -14.56 -16.59 -5.44
C SER A 70 -13.67 -15.40 -5.75
N GLU A 71 -14.29 -14.24 -5.97
CA GLU A 71 -13.53 -13.10 -6.45
C GLU A 71 -14.28 -11.82 -6.18
N VAL A 72 -13.50 -10.75 -6.08
CA VAL A 72 -14.05 -9.40 -6.02
C VAL A 72 -13.12 -8.49 -6.81
N ARG A 73 -13.71 -7.56 -7.52
CA ARG A 73 -12.97 -6.55 -8.28
C ARG A 73 -12.99 -5.25 -7.52
N ALA A 74 -11.85 -4.54 -7.54
CA ALA A 74 -11.73 -3.30 -6.81
C ALA A 74 -10.64 -2.40 -7.40
N LYS A 75 -10.93 -1.11 -7.45
CA LYS A 75 -9.91 -0.12 -7.74
C LYS A 75 -9.28 0.33 -6.42
N PHE A 76 -8.05 0.85 -6.50
CA PHE A 76 -7.41 1.33 -5.28
C PHE A 76 -6.44 2.46 -5.59
N LYS A 77 -6.17 3.18 -4.52
CA LYS A 77 -5.35 4.39 -4.57
C LYS A 77 -4.61 4.46 -3.26
N PHE A 78 -3.29 4.66 -3.31
CA PHE A 78 -2.49 4.86 -2.11
C PHE A 78 -1.88 6.27 -2.15
N SER A 79 -1.72 6.87 -0.97
CA SER A 79 -1.01 8.12 -0.84
C SER A 79 -0.26 8.15 0.48
N ILE A 80 0.65 9.10 0.59
CA ILE A 80 1.39 9.38 1.81
C ILE A 80 0.90 10.68 2.39
N LEU A 81 0.76 10.73 3.70
CA LEU A 81 0.46 11.96 4.41
C LEU A 81 1.76 12.70 4.78
N ASN A 82 1.86 13.97 4.44
CA ASN A 82 3.07 14.72 4.69
C ASN A 82 3.00 15.38 6.06
N ALA A 83 4.06 16.11 6.43
CA ALA A 83 4.11 16.72 7.74
C ALA A 83 3.12 17.88 7.90
N LYS A 84 2.48 18.35 6.81
CA LYS A 84 1.36 19.28 6.91
C LYS A 84 0.01 18.58 7.13
N GLY A 85 -0.07 17.27 6.95
CA GLY A 85 -1.35 16.57 7.02
C GLY A 85 -2.08 16.39 5.70
N GLU A 86 -1.48 16.76 4.57
CA GLU A 86 -2.09 16.64 3.25
C GLU A 86 -1.55 15.42 2.50
N GLU A 87 -2.37 14.88 1.59
CA GLU A 87 -1.96 13.72 0.84
C GLU A 87 -0.99 14.14 -0.25
N THR A 88 0.02 13.31 -0.45
CA THR A 88 1.06 13.56 -1.45
C THR A 88 1.46 12.23 -2.06
N LYS A 89 2.02 12.32 -3.28
CA LYS A 89 2.66 11.22 -3.96
C LYS A 89 1.69 10.06 -4.17
N ALA A 90 0.42 10.35 -4.41
CA ALA A 90 -0.56 9.28 -4.58
C ALA A 90 -0.37 8.54 -5.92
N MET A 91 -0.72 7.26 -5.92
CA MET A 91 -0.83 6.48 -7.15
C MET A 91 -2.06 5.59 -7.08
N GLU A 92 -2.79 5.50 -8.19
CA GLU A 92 -3.99 4.69 -8.27
C GLU A 92 -3.83 3.61 -9.33
N SER A 93 -4.64 2.59 -9.15
CA SER A 93 -4.66 1.43 -10.02
C SER A 93 -5.29 1.71 -11.37
N GLN A 94 -6.09 2.77 -11.50
CA GLN A 94 -6.74 3.21 -12.73
C GLN A 94 -7.92 2.34 -13.10
N ARG A 95 -7.69 1.05 -13.18
CA ARG A 95 -8.77 0.12 -13.41
C ARG A 95 -8.94 -0.79 -12.20
N ALA A 96 -10.01 -1.55 -12.19
CA ALA A 96 -10.27 -2.48 -11.11
C ALA A 96 -9.56 -3.80 -11.36
N TYR A 97 -8.94 -4.32 -10.31
CA TYR A 97 -8.19 -5.56 -10.34
C TYR A 97 -8.99 -6.65 -9.63
N ARG A 98 -8.79 -7.89 -10.05
CA ARG A 98 -9.49 -9.04 -9.51
C ARG A 98 -8.73 -9.63 -8.33
N PHE A 99 -9.37 -9.58 -7.16
CA PHE A 99 -8.82 -10.07 -5.91
C PHE A 99 -9.51 -11.39 -5.56
N VAL A 100 -8.76 -12.30 -4.98
CA VAL A 100 -9.31 -13.47 -4.31
C VAL A 100 -8.66 -13.49 -2.95
N GLN A 101 -9.16 -14.35 -2.06
CA GLN A 101 -8.55 -14.38 -0.73
C GLN A 101 -7.08 -14.70 -0.83
N GLY A 102 -6.27 -13.94 -0.09
CA GLY A 102 -4.84 -14.11 -0.04
C GLY A 102 -4.09 -13.39 -1.14
N LYS A 103 -4.80 -12.73 -2.05
CA LYS A 103 -4.21 -12.08 -3.20
C LYS A 103 -3.96 -10.62 -2.88
N ASP A 104 -2.86 -10.08 -3.38
CA ASP A 104 -2.65 -8.66 -3.23
C ASP A 104 -2.28 -8.06 -4.57
N TRP A 105 -2.54 -6.78 -4.66
CA TRP A 105 -2.22 -5.99 -5.82
C TRP A 105 -1.63 -4.69 -5.29
N GLY A 106 -0.67 -4.14 -6.03
CA GLY A 106 -0.11 -2.87 -5.61
C GLY A 106 1.12 -2.51 -6.40
N PHE A 107 2.04 -1.79 -5.72
CA PHE A 107 3.18 -1.18 -6.37
C PHE A 107 4.47 -1.62 -5.73
N LYS A 108 5.23 -2.42 -6.48
CA LYS A 108 6.56 -2.86 -6.05
C LYS A 108 7.50 -1.68 -5.81
N LYS A 109 7.35 -0.64 -6.62
CA LYS A 109 8.19 0.54 -6.55
C LYS A 109 7.30 1.70 -6.19
N PHE A 110 6.73 1.67 -5.00
CA PHE A 110 5.77 2.73 -4.68
C PHE A 110 6.47 4.07 -4.48
N ILE A 111 7.59 4.09 -3.75
CA ILE A 111 8.35 5.32 -3.58
C ILE A 111 9.79 4.97 -3.26
N ARG A 112 10.70 5.71 -3.88
CA ARG A 112 12.12 5.55 -3.62
C ARG A 112 12.44 5.90 -2.17
N ARG A 113 13.17 5.00 -1.50
CA ARG A 113 13.32 5.14 -0.06
C ARG A 113 14.18 6.35 0.33
N ASP A 114 15.18 6.68 -0.49
CA ASP A 114 16.02 7.84 -0.17
C ASP A 114 15.18 9.12 -0.11
N PHE A 115 14.16 9.25 -0.97
CA PHE A 115 13.25 10.38 -0.90
C PHE A 115 12.48 10.37 0.41
N LEU A 116 11.96 9.20 0.76
CA LEU A 116 11.29 9.01 2.03
C LEU A 116 12.16 9.45 3.19
N LEU A 117 13.40 9.03 3.19
CA LEU A 117 14.29 9.32 4.30
C LEU A 117 14.85 10.73 4.26
N ASP A 118 14.65 11.47 3.18
CA ASP A 118 15.16 12.83 3.07
C ASP A 118 14.29 13.74 3.92
N GLU A 119 14.89 14.28 4.98
CA GLU A 119 14.20 15.12 5.96
C GLU A 119 13.42 16.25 5.29
N ALA A 120 13.99 16.87 4.24
CA ALA A 120 13.37 18.03 3.62
C ALA A 120 11.99 17.73 3.03
N ASN A 121 11.70 16.47 2.72
CA ASN A 121 10.41 16.15 2.13
C ASN A 121 9.32 15.96 3.17
N GLY A 122 9.65 15.83 4.45
CA GLY A 122 8.65 15.86 5.49
C GLY A 122 7.68 14.71 5.47
N LEU A 123 8.13 13.54 5.02
CA LEU A 123 7.30 12.35 4.94
C LEU A 123 7.51 11.39 6.08
N LEU A 124 8.53 11.58 6.93
CA LEU A 124 8.70 10.76 8.12
C LEU A 124 8.78 11.64 9.37
N PRO A 125 7.83 12.55 9.56
CA PRO A 125 7.85 13.36 10.79
C PRO A 125 7.78 12.45 12.01
N ASP A 126 8.64 12.70 12.98
CA ASP A 126 8.63 11.97 14.25
C ASP A 126 8.93 10.48 14.02
N ASP A 127 9.63 10.16 12.94
CA ASP A 127 9.95 8.77 12.58
C ASP A 127 8.68 7.96 12.28
N LYS A 128 7.61 8.60 11.81
CA LYS A 128 6.37 7.89 11.48
C LYS A 128 6.03 8.03 9.99
N LEU A 129 5.66 6.92 9.36
CA LEU A 129 5.15 6.92 8.00
C LEU A 129 3.63 6.71 8.03
N THR A 130 2.86 7.67 7.52
CA THR A 130 1.40 7.56 7.46
C THR A 130 0.96 7.40 6.02
N LEU A 131 0.26 6.30 5.78
CA LEU A 131 -0.22 5.91 4.46
C LEU A 131 -1.74 5.97 4.49
N PHE A 132 -2.32 6.37 3.36
CA PHE A 132 -3.77 6.45 3.21
C PHE A 132 -4.14 5.60 2.01
N CYS A 133 -5.14 4.73 2.18
CA CYS A 133 -5.61 3.87 1.09
C CYS A 133 -7.09 4.13 0.86
N GLU A 134 -7.46 4.36 -0.40
CA GLU A 134 -8.86 4.45 -0.81
C GLU A 134 -9.17 3.26 -1.70
N VAL A 135 -10.27 2.60 -1.42
CA VAL A 135 -10.64 1.39 -2.15
C VAL A 135 -12.04 1.58 -2.69
N SER A 136 -12.27 1.13 -3.92
CA SER A 136 -13.60 1.14 -4.54
C SER A 136 -13.90 -0.28 -5.02
N VAL A 137 -14.77 -0.98 -4.31
CA VAL A 137 -15.03 -2.40 -4.60
C VAL A 137 -16.36 -2.55 -5.32
N VAL A 138 -16.38 -3.42 -6.32
CA VAL A 138 -17.60 -3.74 -7.05
C VAL A 138 -18.39 -4.76 -6.25
N GLN A 139 -19.67 -4.44 -6.00
CA GLN A 139 -20.61 -5.29 -5.28
C GLN A 139 -21.69 -5.80 -6.24
N GLU B 2 18.11 9.68 -9.62
CA GLU B 2 18.41 8.97 -10.87
C GLU B 2 17.20 8.09 -11.30
N LYS B 3 17.04 6.95 -10.63
CA LYS B 3 15.89 6.04 -10.82
C LYS B 3 14.55 6.76 -10.56
N PRO B 4 13.47 6.35 -11.23
CA PRO B 4 12.21 7.06 -11.01
C PRO B 4 11.79 7.01 -9.54
N LEU B 5 11.18 8.11 -9.11
CA LEU B 5 10.74 8.24 -7.73
C LEU B 5 9.60 7.27 -7.41
N GLN B 6 8.68 7.06 -8.36
CA GLN B 6 7.59 6.11 -8.22
C GLN B 6 7.36 5.46 -9.58
N VAL B 7 6.95 4.21 -9.58
CA VAL B 7 6.64 3.49 -10.82
C VAL B 7 5.21 3.02 -10.69
N ALA B 8 4.34 3.53 -11.53
CA ALA B 8 2.92 3.30 -11.36
C ALA B 8 2.46 1.92 -11.86
N ALA B 9 3.39 1.02 -12.14
CA ALA B 9 3.02 -0.29 -12.65
C ALA B 9 2.39 -1.12 -11.54
N VAL B 10 1.22 -1.67 -11.79
CA VAL B 10 0.52 -2.46 -10.76
C VAL B 10 0.89 -3.92 -10.94
N ASP B 11 1.18 -4.61 -9.83
CA ASP B 11 1.45 -6.04 -9.89
C ASP B 11 1.07 -6.68 -8.56
N SER B 12 1.24 -7.99 -8.48
CA SER B 12 0.88 -8.80 -7.31
C SER B 12 2.14 -9.28 -6.59
N SER B 13 2.21 -9.04 -5.25
CA SER B 13 3.37 -9.38 -4.42
C SER B 13 3.85 -10.78 -4.72
N VAL B 14 4.73 -10.88 -5.71
CA VAL B 14 5.49 -12.08 -5.97
C VAL B 14 6.92 -11.58 -6.21
N PRO B 15 7.87 -11.92 -5.34
CA PRO B 15 9.25 -11.48 -5.56
C PRO B 15 9.82 -12.11 -6.83
N ARG B 16 10.77 -11.41 -7.44
CA ARG B 16 11.38 -11.87 -8.68
C ARG B 16 12.74 -12.50 -8.41
#